data_1ZVZ
#
_entry.id   1ZVZ
#
_cell.length_a   36.013
_cell.length_b   52.164
_cell.length_c   153.841
_cell.angle_alpha   90.00
_cell.angle_beta   90.00
_cell.angle_gamma   90.00
#
_symmetry.space_group_name_H-M   'P 21 21 21'
#
loop_
_entity.id
_entity.type
_entity.pdbx_description
1 polymer Vinculin
2 polymer 'Talin 1'
3 water water
#
loop_
_entity_poly.entity_id
_entity_poly.type
_entity_poly.pdbx_seq_one_letter_code
_entity_poly.pdbx_strand_id
1 'polypeptide(L)'
;MGSSHHHHHHSSGLVPRGSHMPVFHTRTIESILEPVAQQISHLVIMHEEGEVDGKAIPDLTAPVSAVQAAVSNLVRVGKE
TVQTTEDQILKRDMPPAFIKVENACTKLVRAAQMLQADPYSVPARDYLIDGSRGILSGTSDLLLTFDEAEVRKIIRVCKG
ILEYLTVAEVVETMEDLVTYTKNLGPGMTKMAKMIDERQQELTHQEHRVMLVNSMNTVKELLPVLISAMKIFVTTKNTKS
QGIEEALKNRNFTVEKMSAEINEIIRVLQLTSWDEDAWA
;
A
2 'polypeptide(L)' GEMVRQARILAQATSDLVNAIKADA B
#
# COMPACT_ATOMS: atom_id res chain seq x y z
N MET A 21 -4.74 15.57 1.54
CA MET A 21 -5.45 14.67 2.50
C MET A 21 -4.75 14.37 3.86
N PRO A 22 -3.43 14.64 4.01
CA PRO A 22 -2.29 14.98 3.15
C PRO A 22 -1.61 13.77 2.46
N VAL A 23 -0.28 13.67 2.48
CA VAL A 23 0.49 12.90 1.48
C VAL A 23 0.07 11.43 1.38
N PHE A 24 -0.06 10.96 0.14
CA PHE A 24 -0.49 9.59 -0.14
C PHE A 24 0.70 8.64 -0.15
N HIS A 25 0.40 7.37 0.12
CA HIS A 25 1.43 6.38 0.45
C HIS A 25 2.21 5.87 -0.76
N THR A 26 1.52 5.75 -1.90
CA THR A 26 2.12 5.22 -3.12
C THR A 26 1.77 6.07 -4.32
N ARG A 27 2.54 5.93 -5.40
CA ARG A 27 2.29 6.70 -6.63
C ARG A 27 0.98 6.30 -7.32
N THR A 28 0.57 5.04 -7.16
CA THR A 28 -0.73 4.58 -7.66
C THR A 28 -1.87 5.26 -6.93
N ILE A 29 -1.84 5.24 -5.59
CA ILE A 29 -2.87 5.90 -4.78
C ILE A 29 -2.85 7.40 -5.05
N GLU A 30 -1.65 7.96 -5.19
CA GLU A 30 -1.47 9.37 -5.52
C GLU A 30 -2.14 9.71 -6.85
N SER A 31 -1.92 8.88 -7.87
CA SER A 31 -2.50 9.11 -9.20
C SER A 31 -4.03 9.09 -9.20
N ILE A 32 -4.62 8.31 -8.31
CA ILE A 32 -6.08 8.19 -8.21
C ILE A 32 -6.71 9.36 -7.44
N LEU A 33 -6.12 9.69 -6.29
CA LEU A 33 -6.75 10.60 -5.31
C LEU A 33 -6.19 12.03 -5.26
N GLU A 34 -4.96 12.23 -5.72
CA GLU A 34 -4.29 13.53 -5.57
C GLU A 34 -5.07 14.70 -6.18
N PRO A 35 -5.54 14.56 -7.44
CA PRO A 35 -6.30 15.65 -8.05
C PRO A 35 -7.54 16.07 -7.25
N VAL A 36 -8.37 15.10 -6.88
CA VAL A 36 -9.61 15.41 -6.16
C VAL A 36 -9.32 15.89 -4.74
N ALA A 37 -8.24 15.40 -4.13
CA ALA A 37 -7.80 15.89 -2.82
C ALA A 37 -7.43 17.38 -2.86
N GLN A 38 -6.71 17.79 -3.90
CA GLN A 38 -6.34 19.20 -4.06
C GLN A 38 -7.58 20.06 -4.33
N GLN A 39 -8.48 19.56 -5.17
CA GLN A 39 -9.72 20.24 -5.49
C GLN A 39 -10.61 20.43 -4.25
N ILE A 40 -10.63 19.41 -3.39
CA ILE A 40 -11.37 19.48 -2.12
C ILE A 40 -10.69 20.43 -1.14
N SER A 41 -9.36 20.42 -1.09
CA SER A 41 -8.62 21.33 -0.20
C SER A 41 -8.95 22.78 -0.53
N HIS A 42 -9.04 23.09 -1.83
CA HIS A 42 -9.44 24.41 -2.29
C HIS A 42 -10.89 24.73 -1.90
N LEU A 43 -11.78 23.77 -2.10
CA LEU A 43 -13.20 23.93 -1.73
C LEU A 43 -13.37 24.20 -0.23
N VAL A 44 -12.59 23.51 0.59
CA VAL A 44 -12.61 23.72 2.04
C VAL A 44 -12.25 25.15 2.40
N ILE A 45 -11.18 25.66 1.81
CA ILE A 45 -10.74 27.05 2.03
C ILE A 45 -11.79 28.04 1.52
N MET A 46 -12.34 27.78 0.33
CA MET A 46 -13.42 28.60 -0.22
C MET A 46 -14.60 28.70 0.75
N HIS A 47 -15.00 27.57 1.31
CA HIS A 47 -16.11 27.52 2.26
C HIS A 47 -15.75 28.25 3.55
N GLU A 48 -14.56 27.98 4.08
CA GLU A 48 -14.06 28.69 5.26
C GLU A 48 -14.04 30.21 5.07
N GLU A 49 -13.76 30.65 3.85
CA GLU A 49 -13.72 32.08 3.52
C GLU A 49 -15.09 32.62 3.06
N GLY A 50 -16.11 31.77 3.05
CA GLY A 50 -17.46 32.17 2.67
C GLY A 50 -17.63 32.50 1.20
N GLU A 51 -16.78 31.90 0.36
CA GLU A 51 -16.70 32.25 -1.06
C GLU A 51 -17.86 31.75 -1.91
N VAL A 52 -18.56 30.71 -1.45
CA VAL A 52 -19.70 30.16 -2.19
C VAL A 52 -21.06 30.50 -1.56
N ASP A 53 -21.05 31.28 -0.48
CA ASP A 53 -22.28 31.69 0.20
C ASP A 53 -23.15 32.63 -0.63
N GLY A 54 -22.51 33.46 -1.46
CA GLY A 54 -23.19 34.56 -2.15
C GLY A 54 -24.01 34.21 -3.37
N LYS A 55 -23.63 33.15 -4.08
CA LYS A 55 -24.27 32.78 -5.35
C LYS A 55 -25.02 31.46 -5.28
N ALA A 56 -26.13 31.39 -6.01
CA ALA A 56 -26.94 30.18 -6.13
C ALA A 56 -26.12 29.05 -6.72
N ILE A 57 -26.07 27.93 -6.00
CA ILE A 57 -25.41 26.72 -6.52
C ILE A 57 -26.40 26.04 -7.45
N PRO A 58 -25.98 25.73 -8.69
CA PRO A 58 -26.90 25.13 -9.66
C PRO A 58 -27.30 23.72 -9.25
N ASP A 59 -28.35 23.19 -9.87
CA ASP A 59 -28.82 21.84 -9.54
C ASP A 59 -27.70 20.81 -9.67
N LEU A 60 -27.36 20.18 -8.54
CA LEU A 60 -26.30 19.17 -8.49
C LEU A 60 -26.87 17.76 -8.55
N THR A 61 -28.13 17.63 -8.98
CA THR A 61 -28.80 16.33 -9.05
C THR A 61 -28.01 15.31 -9.89
N ALA A 62 -27.60 15.73 -11.09
CA ALA A 62 -26.85 14.85 -11.99
C ALA A 62 -25.47 14.45 -11.45
N PRO A 63 -24.60 15.44 -11.13
CA PRO A 63 -23.30 15.06 -10.56
C PRO A 63 -23.39 14.22 -9.28
N VAL A 64 -24.33 14.53 -8.39
CA VAL A 64 -24.50 13.74 -7.16
C VAL A 64 -25.00 12.33 -7.48
N SER A 65 -25.91 12.22 -8.45
CA SER A 65 -26.39 10.91 -8.92
C SER A 65 -25.24 10.03 -9.42
N ALA A 66 -24.27 10.64 -10.10
CA ALA A 66 -23.09 9.92 -10.59
C ALA A 66 -22.19 9.47 -9.43
N VAL A 67 -22.06 10.31 -8.41
CA VAL A 67 -21.31 9.94 -7.20
C VAL A 67 -22.00 8.78 -6.49
N GLN A 68 -23.33 8.87 -6.33
CA GLN A 68 -24.11 7.80 -5.72
C GLN A 68 -23.90 6.46 -6.44
N ALA A 69 -23.93 6.50 -7.78
CA ALA A 69 -23.71 5.32 -8.60
C ALA A 69 -22.30 4.75 -8.41
N ALA A 70 -21.31 5.62 -8.27
CA ALA A 70 -19.92 5.21 -8.08
C ALA A 70 -19.70 4.63 -6.69
N VAL A 71 -20.38 5.20 -5.68
CA VAL A 71 -20.32 4.71 -4.32
C VAL A 71 -20.92 3.30 -4.21
N SER A 72 -22.08 3.10 -4.83
CA SER A 72 -22.75 1.79 -4.81
C SER A 72 -21.89 0.70 -5.43
N ASN A 73 -21.24 1.01 -6.55
CA ASN A 73 -20.34 0.06 -7.23
C ASN A 73 -19.07 -0.22 -6.43
N LEU A 74 -18.53 0.81 -5.78
CA LEU A 74 -17.36 0.66 -4.91
C LEU A 74 -17.68 -0.30 -3.76
N VAL A 75 -18.78 -0.01 -3.05
CA VAL A 75 -19.19 -0.82 -1.90
C VAL A 75 -19.58 -2.23 -2.31
N ARG A 76 -20.29 -2.35 -3.44
CA ARG A 76 -20.66 -3.66 -3.99
C ARG A 76 -19.43 -4.54 -4.20
N VAL A 77 -18.45 -4.00 -4.91
CA VAL A 77 -17.22 -4.73 -5.22
C VAL A 77 -16.37 -4.97 -3.97
N GLY A 78 -16.36 -4.00 -3.06
CA GLY A 78 -15.68 -4.15 -1.78
C GLY A 78 -16.27 -5.27 -0.95
N LYS A 79 -17.59 -5.29 -0.84
CA LYS A 79 -18.30 -6.33 -0.09
C LYS A 79 -18.04 -7.72 -0.68
N GLU A 80 -18.06 -7.82 -2.00
CA GLU A 80 -17.70 -9.07 -2.70
C GLU A 80 -16.38 -9.62 -2.19
N THR A 81 -15.37 -8.75 -2.13
CA THR A 81 -14.03 -9.11 -1.68
C THR A 81 -14.03 -9.62 -0.24
N VAL A 82 -14.77 -8.94 0.64
CA VAL A 82 -14.80 -9.30 2.07
C VAL A 82 -15.26 -10.74 2.32
N GLN A 83 -16.14 -11.25 1.46
CA GLN A 83 -16.61 -12.64 1.56
C GLN A 83 -15.96 -13.55 0.50
N THR A 84 -15.21 -12.96 -0.43
CA THR A 84 -14.42 -13.71 -1.40
C THR A 84 -12.91 -13.51 -1.12
N THR A 85 -12.53 -13.58 0.15
CA THR A 85 -11.12 -13.46 0.53
C THR A 85 -10.71 -14.44 1.62
N GLU A 86 -9.50 -14.97 1.48
CA GLU A 86 -8.86 -15.76 2.54
C GLU A 86 -8.28 -14.83 3.61
N ASP A 87 -7.97 -13.60 3.21
CA ASP A 87 -7.26 -12.65 4.07
C ASP A 87 -8.12 -12.19 5.24
N GLN A 88 -7.69 -12.56 6.45
CA GLN A 88 -8.49 -12.33 7.66
C GLN A 88 -8.40 -10.88 8.15
N ILE A 89 -7.27 -10.22 7.93
CA ILE A 89 -7.08 -8.83 8.34
C ILE A 89 -7.79 -7.90 7.36
N LEU A 90 -7.69 -8.22 6.07
CA LEU A 90 -8.44 -7.53 5.02
C LEU A 90 -9.95 -7.61 5.29
N LYS A 91 -10.37 -8.74 5.88
CA LYS A 91 -11.78 -8.98 6.19
C LYS A 91 -12.35 -7.97 7.20
N ARG A 92 -11.57 -7.63 8.22
CA ARG A 92 -12.05 -6.77 9.30
C ARG A 92 -11.79 -5.27 9.09
N ASP A 93 -10.75 -4.93 8.33
CA ASP A 93 -10.34 -3.53 8.15
C ASP A 93 -11.08 -2.81 7.03
N MET A 94 -11.69 -3.56 6.11
CA MET A 94 -12.36 -2.98 4.95
C MET A 94 -13.76 -2.41 5.21
N PRO A 95 -14.63 -3.16 5.94
CA PRO A 95 -16.01 -2.71 6.15
C PRO A 95 -16.23 -1.30 6.72
N PRO A 96 -15.42 -0.85 7.70
CA PRO A 96 -15.58 0.53 8.18
C PRO A 96 -15.48 1.60 7.09
N ALA A 97 -14.74 1.31 6.01
CA ALA A 97 -14.62 2.22 4.88
C ALA A 97 -15.93 2.36 4.10
N PHE A 98 -16.70 1.27 3.98
CA PHE A 98 -18.01 1.31 3.32
C PHE A 98 -18.95 2.23 4.08
N ILE A 99 -18.96 2.09 5.41
CA ILE A 99 -19.80 2.89 6.29
C ILE A 99 -19.48 4.38 6.14
N LYS A 100 -18.19 4.71 6.06
CA LYS A 100 -17.73 6.09 5.91
C LYS A 100 -18.21 6.71 4.59
N VAL A 101 -18.00 5.99 3.49
CA VAL A 101 -18.41 6.47 2.16
C VAL A 101 -19.93 6.57 2.04
N GLU A 102 -20.63 5.60 2.65
CA GLU A 102 -22.11 5.63 2.72
C GLU A 102 -22.61 6.88 3.42
N ASN A 103 -22.03 7.19 4.58
CA ASN A 103 -22.38 8.39 5.33
C ASN A 103 -22.16 9.64 4.50
N ALA A 104 -21.00 9.71 3.86
CA ALA A 104 -20.65 10.85 3.00
C ALA A 104 -21.66 11.01 1.87
N CYS A 105 -22.09 9.89 1.30
CA CYS A 105 -23.03 9.91 0.19
C CYS A 105 -24.42 10.43 0.60
N THR A 106 -24.88 10.09 1.80
CA THR A 106 -26.17 10.59 2.27
C THR A 106 -26.18 12.12 2.40
N LYS A 107 -25.04 12.69 2.80
CA LYS A 107 -24.92 14.14 2.91
C LYS A 107 -24.99 14.81 1.54
N LEU A 108 -24.30 14.22 0.56
CA LEU A 108 -24.32 14.72 -0.82
C LEU A 108 -25.72 14.69 -1.42
N VAL A 109 -26.41 13.56 -1.25
CA VAL A 109 -27.79 13.40 -1.74
C VAL A 109 -28.71 14.41 -1.06
N ARG A 110 -28.54 14.59 0.25
CA ARG A 110 -29.32 15.53 1.03
C ARG A 110 -29.09 16.97 0.59
N ALA A 111 -27.83 17.31 0.33
CA ALA A 111 -27.48 18.66 -0.13
C ALA A 111 -28.15 18.98 -1.47
N ALA A 112 -28.17 18.01 -2.39
CA ALA A 112 -28.83 18.17 -3.68
C ALA A 112 -30.33 18.45 -3.52
N GLN A 113 -30.97 17.72 -2.61
CA GLN A 113 -32.39 17.94 -2.28
C GLN A 113 -32.63 19.36 -1.77
N MET A 114 -31.80 19.78 -0.82
CA MET A 114 -31.91 21.10 -0.22
C MET A 114 -31.72 22.22 -1.25
N LEU A 115 -30.71 22.06 -2.11
CA LEU A 115 -30.40 23.04 -3.15
C LEU A 115 -31.51 23.18 -4.18
N GLN A 116 -32.22 22.09 -4.45
CA GLN A 116 -33.40 22.14 -5.33
C GLN A 116 -34.48 23.05 -4.76
N ALA A 117 -34.67 22.98 -3.45
CA ALA A 117 -35.64 23.85 -2.76
C ALA A 117 -35.10 25.26 -2.58
N ASP A 118 -33.80 25.37 -2.28
CA ASP A 118 -33.17 26.65 -2.01
C ASP A 118 -31.69 26.60 -2.41
N PRO A 119 -31.34 27.19 -3.57
CA PRO A 119 -29.93 27.19 -3.99
C PRO A 119 -28.98 27.99 -3.10
N TYR A 120 -29.51 28.72 -2.11
CA TYR A 120 -28.68 29.45 -1.13
C TYR A 120 -28.58 28.75 0.22
N SER A 121 -29.07 27.51 0.30
CA SER A 121 -29.07 26.74 1.55
C SER A 121 -27.68 26.59 2.16
N VAL A 122 -27.51 27.09 3.39
CA VAL A 122 -26.23 26.98 4.10
C VAL A 122 -25.94 25.53 4.55
N PRO A 123 -26.94 24.84 5.14
CA PRO A 123 -26.73 23.44 5.49
C PRO A 123 -26.28 22.56 4.32
N ALA A 124 -26.80 22.83 3.13
CA ALA A 124 -26.41 22.11 1.92
C ALA A 124 -24.92 22.26 1.61
N ARG A 125 -24.39 23.45 1.81
CA ARG A 125 -22.97 23.72 1.58
C ARG A 125 -22.08 22.97 2.57
N ASP A 126 -22.52 22.93 3.83
CA ASP A 126 -21.80 22.17 4.86
C ASP A 126 -21.78 20.67 4.51
N TYR A 127 -22.92 20.17 4.01
CA TYR A 127 -23.01 18.78 3.54
C TYR A 127 -22.09 18.50 2.35
N LEU A 128 -21.99 19.47 1.45
CA LEU A 128 -21.14 19.34 0.26
C LEU A 128 -19.67 19.17 0.61
N ILE A 129 -19.17 20.03 1.51
CA ILE A 129 -17.78 19.96 1.94
C ILE A 129 -17.52 18.70 2.76
N ASP A 130 -18.38 18.43 3.74
CA ASP A 130 -18.20 17.26 4.62
C ASP A 130 -18.40 15.94 3.89
N GLY A 131 -19.33 15.93 2.93
CA GLY A 131 -19.57 14.75 2.10
C GLY A 131 -18.41 14.48 1.16
N SER A 132 -17.92 15.52 0.49
CA SER A 132 -16.76 15.40 -0.40
C SER A 132 -15.54 14.89 0.36
N ARG A 133 -15.29 15.48 1.53
CA ARG A 133 -14.21 15.04 2.40
C ARG A 133 -14.37 13.57 2.81
N GLY A 134 -15.60 13.17 3.11
CA GLY A 134 -15.90 11.79 3.51
C GLY A 134 -15.66 10.78 2.41
N ILE A 135 -16.06 11.13 1.19
CA ILE A 135 -15.78 10.28 0.02
C ILE A 135 -14.28 10.06 -0.13
N LEU A 136 -13.52 11.14 -0.06
CA LEU A 136 -12.06 11.09 -0.19
C LEU A 136 -11.44 10.23 0.91
N SER A 137 -11.87 10.45 2.15
CA SER A 137 -11.31 9.75 3.31
C SER A 137 -11.60 8.25 3.27
N GLY A 138 -12.84 7.89 2.93
CA GLY A 138 -13.25 6.49 2.83
C GLY A 138 -12.55 5.74 1.71
N THR A 139 -12.41 6.39 0.56
CA THR A 139 -11.73 5.80 -0.60
C THR A 139 -10.24 5.66 -0.31
N SER A 140 -9.66 6.64 0.38
CA SER A 140 -8.27 6.57 0.82
C SER A 140 -8.06 5.37 1.75
N ASP A 141 -8.96 5.21 2.73
CA ASP A 141 -8.92 4.08 3.66
C ASP A 141 -8.97 2.74 2.93
N LEU A 142 -9.90 2.64 1.97
CA LEU A 142 -10.07 1.43 1.16
C LEU A 142 -8.81 1.05 0.41
N LEU A 143 -8.22 2.02 -0.29
CA LEU A 143 -7.01 1.77 -1.08
C LEU A 143 -5.81 1.40 -0.20
N LEU A 144 -5.68 2.03 0.96
CA LEU A 144 -4.61 1.66 1.91
C LEU A 144 -4.79 0.26 2.45
N THR A 145 -6.04 -0.13 2.71
CA THR A 145 -6.34 -1.47 3.22
C THR A 145 -5.93 -2.54 2.20
N PHE A 146 -6.19 -2.29 0.92
CA PHE A 146 -5.70 -3.17 -0.15
C PHE A 146 -4.19 -3.13 -0.24
N ASP A 147 -3.61 -1.94 -0.09
CA ASP A 147 -2.16 -1.78 -0.15
C ASP A 147 -1.48 -2.56 0.97
N GLU A 148 -2.06 -2.48 2.17
CA GLU A 148 -1.56 -3.24 3.32
C GLU A 148 -1.57 -4.74 3.04
N ALA A 149 -2.62 -5.21 2.36
CA ALA A 149 -2.71 -6.62 1.96
C ALA A 149 -1.61 -7.02 0.98
N GLU A 150 -1.31 -6.14 0.02
CA GLU A 150 -0.23 -6.39 -0.95
C GLU A 150 1.14 -6.43 -0.27
N VAL A 151 1.34 -5.56 0.72
CA VAL A 151 2.59 -5.54 1.48
C VAL A 151 2.77 -6.84 2.29
N ARG A 152 1.67 -7.38 2.82
CA ARG A 152 1.71 -8.67 3.52
C ARG A 152 2.15 -9.81 2.60
N LYS A 153 1.77 -9.74 1.33
CA LYS A 153 2.21 -10.72 0.33
C LYS A 153 3.73 -10.66 0.14
N ILE A 154 4.28 -9.46 0.16
CA ILE A 154 5.73 -9.25 0.01
C ILE A 154 6.47 -9.78 1.24
N ILE A 155 5.92 -9.51 2.42
CA ILE A 155 6.55 -9.92 3.68
C ILE A 155 6.60 -11.44 3.85
N ARG A 156 5.57 -12.14 3.37
CA ARG A 156 5.56 -13.61 3.42
C ARG A 156 6.69 -14.22 2.58
N VAL A 157 7.00 -13.59 1.45
CA VAL A 157 8.15 -14.00 0.63
C VAL A 157 9.47 -13.75 1.38
N CYS A 158 9.57 -12.59 2.03
CA CYS A 158 10.75 -12.26 2.82
C CYS A 158 10.96 -13.23 3.97
N LYS A 159 9.87 -13.57 4.66
CA LYS A 159 9.92 -14.52 5.78
C LYS A 159 10.29 -15.94 5.33
N GLY A 160 9.88 -16.31 4.11
CA GLY A 160 10.29 -17.58 3.51
C GLY A 160 11.80 -17.68 3.37
N ILE A 161 12.41 -16.59 2.91
CA ILE A 161 13.87 -16.52 2.76
C ILE A 161 14.55 -16.54 4.12
N LEU A 162 14.01 -15.77 5.07
CA LEU A 162 14.50 -15.79 6.46
C LEU A 162 14.56 -17.20 7.02
N GLU A 163 13.50 -17.98 6.82
CA GLU A 163 13.44 -19.36 7.30
C GLU A 163 14.47 -20.24 6.63
N TYR A 164 14.60 -20.10 5.32
CA TYR A 164 15.55 -20.93 4.57
C TYR A 164 17.00 -20.59 4.93
N LEU A 165 17.24 -19.34 5.33
CA LEU A 165 18.56 -18.94 5.86
C LEU A 165 18.92 -19.66 7.16
N THR A 166 17.90 -19.99 7.97
CA THR A 166 18.14 -20.69 9.25
C THR A 166 18.61 -22.12 9.06
N VAL A 167 18.38 -22.70 7.88
CA VAL A 167 18.77 -24.09 7.63
C VAL A 167 20.02 -24.18 6.72
N ALA A 168 20.75 -23.06 6.60
CA ALA A 168 22.09 -23.08 6.01
C ALA A 168 23.04 -23.89 6.88
N GLU A 169 22.86 -23.82 8.20
CA GLU A 169 23.74 -24.50 9.16
C GLU A 169 23.66 -26.02 9.12
N VAL A 170 22.59 -26.57 8.55
CA VAL A 170 22.43 -28.04 8.47
C VAL A 170 23.02 -28.64 7.19
N VAL A 171 23.45 -27.79 6.27
CA VAL A 171 24.09 -28.24 5.03
C VAL A 171 25.51 -28.74 5.31
N GLU A 172 25.75 -30.02 5.03
CA GLU A 172 27.05 -30.64 5.31
C GLU A 172 27.74 -31.30 4.09
N THR A 173 26.99 -31.56 3.03
CA THR A 173 27.55 -32.21 1.83
C THR A 173 27.42 -31.33 0.60
N MET A 174 28.16 -31.68 -0.45
CA MET A 174 28.13 -30.92 -1.71
C MET A 174 26.75 -31.02 -2.36
N GLU A 175 26.14 -32.19 -2.30
CA GLU A 175 24.79 -32.34 -2.87
C GLU A 175 23.74 -31.58 -2.05
N ASP A 176 23.94 -31.49 -0.73
CA ASP A 176 23.12 -30.60 0.12
C ASP A 176 23.23 -29.16 -0.35
N LEU A 177 24.47 -28.73 -0.59
CA LEU A 177 24.77 -27.34 -0.97
C LEU A 177 24.20 -26.99 -2.34
N VAL A 178 24.37 -27.88 -3.30
CA VAL A 178 23.83 -27.69 -4.65
C VAL A 178 22.30 -27.54 -4.58
N THR A 179 21.65 -28.42 -3.83
CA THR A 179 20.20 -28.34 -3.62
C THR A 179 19.81 -27.03 -2.94
N TYR A 180 20.57 -26.65 -1.92
CA TYR A 180 20.31 -25.41 -1.17
C TYR A 180 20.40 -24.18 -2.08
N THR A 181 21.44 -24.12 -2.90
CA THR A 181 21.67 -23.01 -3.81
C THR A 181 20.57 -22.92 -4.87
N LYS A 182 20.16 -24.07 -5.41
CA LYS A 182 19.11 -24.13 -6.42
C LYS A 182 17.73 -23.71 -5.89
N ASN A 183 17.52 -23.87 -4.59
CA ASN A 183 16.29 -23.44 -3.94
C ASN A 183 16.33 -21.97 -3.52
N LEU A 184 17.43 -21.55 -2.92
CA LEU A 184 17.57 -20.17 -2.40
C LEU A 184 17.71 -19.13 -3.51
N GLY A 185 18.49 -19.44 -4.54
CA GLY A 185 18.77 -18.51 -5.63
C GLY A 185 17.54 -17.85 -6.26
N PRO A 186 16.62 -18.67 -6.79
CA PRO A 186 15.36 -18.15 -7.35
C PRO A 186 14.47 -17.42 -6.34
N GLY A 187 14.42 -17.92 -5.11
CA GLY A 187 13.69 -17.25 -4.03
C GLY A 187 14.17 -15.83 -3.83
N MET A 188 15.50 -15.66 -3.84
CA MET A 188 16.13 -14.34 -3.75
C MET A 188 15.80 -13.45 -4.94
N THR A 189 15.78 -14.04 -6.14
CA THR A 189 15.45 -13.29 -7.35
C THR A 189 14.02 -12.78 -7.31
N LYS A 190 13.10 -13.60 -6.80
CA LYS A 190 11.71 -13.20 -6.62
C LYS A 190 11.59 -12.05 -5.62
N MET A 191 12.23 -12.19 -4.46
CA MET A 191 12.23 -11.13 -3.45
C MET A 191 12.77 -9.83 -4.02
N ALA A 192 13.91 -9.92 -4.71
CA ALA A 192 14.54 -8.74 -5.32
C ALA A 192 13.59 -8.00 -6.26
N LYS A 193 12.88 -8.77 -7.09
CA LYS A 193 11.90 -8.19 -8.02
C LYS A 193 10.77 -7.48 -7.28
N MET A 194 10.24 -8.12 -6.24
CA MET A 194 9.14 -7.55 -5.47
C MET A 194 9.53 -6.26 -4.74
N ILE A 195 10.72 -6.26 -4.14
CA ILE A 195 11.22 -5.08 -3.43
C ILE A 195 11.52 -3.95 -4.40
N ASP A 196 12.10 -4.29 -5.55
CA ASP A 196 12.43 -3.28 -6.57
C ASP A 196 11.17 -2.64 -7.14
N GLU A 197 10.14 -3.44 -7.38
CA GLU A 197 8.87 -2.89 -7.86
C GLU A 197 8.16 -2.09 -6.76
N ARG A 198 8.28 -2.53 -5.52
CA ARG A 198 7.63 -1.85 -4.40
C ARG A 198 8.27 -0.50 -4.09
N GLN A 199 9.59 -0.44 -4.06
CA GLN A 199 10.30 0.81 -3.75
C GLN A 199 9.98 1.90 -4.77
N GLN A 200 9.90 1.52 -6.05
CA GLN A 200 9.55 2.46 -7.12
C GLN A 200 8.20 3.15 -6.87
N GLU A 201 7.30 2.46 -6.18
CA GLU A 201 5.95 2.97 -5.92
C GLU A 201 5.85 3.91 -4.70
N LEU A 202 6.81 3.85 -3.79
CA LEU A 202 6.74 4.64 -2.56
C LEU A 202 6.90 6.13 -2.80
N THR A 203 6.17 6.92 -2.02
CA THR A 203 6.13 8.37 -2.13
C THR A 203 7.14 9.02 -1.17
N HIS A 204 7.77 8.22 -0.32
CA HIS A 204 8.77 8.71 0.62
C HIS A 204 10.16 8.21 0.23
N GLN A 205 11.01 9.14 -0.19
CA GLN A 205 12.35 8.83 -0.70
C GLN A 205 13.23 8.12 0.31
N GLU A 206 13.17 8.55 1.57
CA GLU A 206 13.96 7.96 2.65
C GLU A 206 13.72 6.46 2.77
N HIS A 207 12.47 6.04 2.55
CA HIS A 207 12.10 4.63 2.63
C HIS A 207 12.58 3.84 1.41
N ARG A 208 12.52 4.46 0.23
CA ARG A 208 13.08 3.86 -0.98
C ARG A 208 14.56 3.55 -0.81
N VAL A 209 15.30 4.53 -0.26
CA VAL A 209 16.75 4.38 -0.05
C VAL A 209 17.06 3.18 0.85
N MET A 210 16.32 3.06 1.95
CA MET A 210 16.52 1.95 2.89
C MET A 210 16.26 0.60 2.25
N LEU A 211 15.20 0.51 1.44
CA LEU A 211 14.86 -0.73 0.74
C LEU A 211 15.92 -1.09 -0.30
N VAL A 212 16.34 -0.12 -1.10
CA VAL A 212 17.37 -0.33 -2.12
C VAL A 212 18.69 -0.79 -1.50
N ASN A 213 19.15 -0.06 -0.49
CA ASN A 213 20.42 -0.38 0.16
C ASN A 213 20.40 -1.75 0.84
N SER A 214 19.30 -2.07 1.52
CA SER A 214 19.16 -3.36 2.19
C SER A 214 19.17 -4.51 1.18
N MET A 215 18.41 -4.36 0.10
CA MET A 215 18.35 -5.38 -0.94
C MET A 215 19.72 -5.55 -1.61
N ASN A 216 20.39 -4.45 -1.89
CA ASN A 216 21.77 -4.47 -2.43
C ASN A 216 22.72 -5.26 -1.54
N THR A 217 22.64 -5.04 -0.23
CA THR A 217 23.47 -5.75 0.74
C THR A 217 23.17 -7.25 0.75
N VAL A 218 21.88 -7.59 0.73
CA VAL A 218 21.45 -8.99 0.68
C VAL A 218 21.99 -9.69 -0.56
N LYS A 219 21.90 -9.02 -1.71
CA LYS A 219 22.42 -9.55 -2.97
C LYS A 219 23.95 -9.71 -2.94
N GLU A 220 24.64 -8.77 -2.30
CA GLU A 220 26.10 -8.84 -2.14
C GLU A 220 26.53 -10.06 -1.32
N LEU A 221 25.76 -10.34 -0.26
CA LEU A 221 26.13 -11.38 0.69
C LEU A 221 25.84 -12.81 0.24
N LEU A 222 24.93 -12.98 -0.73
CA LEU A 222 24.57 -14.32 -1.19
C LEU A 222 25.80 -15.13 -1.63
N PRO A 223 26.61 -14.60 -2.56
CA PRO A 223 27.82 -15.35 -2.95
C PRO A 223 28.81 -15.56 -1.80
N VAL A 224 28.84 -14.61 -0.86
CA VAL A 224 29.68 -14.71 0.33
C VAL A 224 29.22 -15.89 1.19
N LEU A 225 27.90 -16.03 1.33
CA LEU A 225 27.29 -17.15 2.07
C LEU A 225 27.67 -18.48 1.41
N ILE A 226 27.45 -18.57 0.10
CA ILE A 226 27.69 -19.81 -0.63
C ILE A 226 29.18 -20.19 -0.63
N SER A 227 30.06 -19.19 -0.71
CA SER A 227 31.50 -19.43 -0.67
C SER A 227 31.93 -20.13 0.62
N ALA A 228 31.45 -19.60 1.75
CA ALA A 228 31.78 -20.17 3.06
C ALA A 228 31.18 -21.56 3.23
N MET A 229 29.95 -21.76 2.76
CA MET A 229 29.32 -23.08 2.81
C MET A 229 30.08 -24.10 1.96
N LYS A 230 30.59 -23.67 0.81
CA LYS A 230 31.33 -24.58 -0.08
C LYS A 230 32.63 -25.06 0.55
N ILE A 231 33.35 -24.14 1.20
CA ILE A 231 34.60 -24.51 1.89
C ILE A 231 34.32 -25.52 3.00
N PHE A 232 33.29 -25.25 3.81
CA PHE A 232 32.92 -26.15 4.88
C PHE A 232 32.59 -27.54 4.35
N VAL A 233 31.66 -27.57 3.40
CA VAL A 233 31.21 -28.80 2.76
C VAL A 233 32.36 -29.64 2.17
N THR A 234 33.26 -28.98 1.46
CA THR A 234 34.34 -29.69 0.74
C THR A 234 35.54 -30.04 1.60
N THR A 235 35.67 -29.41 2.77
CA THR A 235 36.87 -29.60 3.61
C THR A 235 36.57 -29.98 5.07
N LYS A 236 35.33 -30.38 5.38
CA LYS A 236 34.92 -30.60 6.77
C LYS A 236 35.74 -31.65 7.55
N ASN A 237 36.43 -32.55 6.85
CA ASN A 237 37.21 -33.62 7.49
C ASN A 237 38.73 -33.52 7.29
N THR A 238 39.27 -32.29 7.26
CA THR A 238 40.67 -32.07 6.85
C THR A 238 41.82 -31.98 7.90
N LYS A 239 41.72 -31.20 8.99
CA LYS A 239 40.67 -30.25 9.30
C LYS A 239 41.17 -28.79 9.32
N SER A 240 42.12 -28.51 8.42
CA SER A 240 42.41 -27.16 7.90
C SER A 240 42.74 -26.01 8.87
N GLN A 241 41.68 -25.39 9.42
CA GLN A 241 41.68 -23.99 9.92
C GLN A 241 40.62 -23.25 9.10
N GLY A 242 40.61 -23.50 7.80
CA GLY A 242 39.58 -22.98 6.90
C GLY A 242 38.17 -23.41 7.27
N ILE A 243 38.05 -24.56 7.94
CA ILE A 243 36.76 -25.05 8.43
C ILE A 243 36.18 -24.09 9.46
N GLU A 244 36.98 -23.79 10.48
CA GLU A 244 36.55 -22.88 11.54
C GLU A 244 36.16 -21.52 10.98
N GLU A 245 36.96 -21.02 10.04
CA GLU A 245 36.67 -19.74 9.38
C GLU A 245 35.42 -19.83 8.51
N ALA A 246 35.23 -20.97 7.84
CA ALA A 246 34.05 -21.18 7.01
C ALA A 246 32.77 -21.20 7.84
N LEU A 247 32.82 -21.84 9.00
CA LEU A 247 31.68 -21.87 9.92
C LEU A 247 31.37 -20.45 10.43
N LYS A 248 32.41 -19.73 10.85
CA LYS A 248 32.24 -18.37 11.37
C LYS A 248 31.73 -17.42 10.28
N ASN A 249 32.28 -17.53 9.06
CA ASN A 249 31.84 -16.70 7.94
C ASN A 249 30.40 -17.00 7.53
N ARG A 250 30.02 -18.27 7.53
CA ARG A 250 28.64 -18.67 7.24
C ARG A 250 27.68 -18.08 8.27
N ASN A 251 27.98 -18.31 9.55
CA ASN A 251 27.13 -17.82 10.62
C ASN A 251 26.95 -16.30 10.58
N PHE A 252 28.06 -15.59 10.39
CA PHE A 252 28.04 -14.13 10.36
C PHE A 252 27.25 -13.59 9.17
N THR A 253 27.43 -14.22 8.02
CA THR A 253 26.75 -13.83 6.79
C THR A 253 25.23 -14.06 6.91
N VAL A 254 24.83 -15.22 7.44
CA VAL A 254 23.42 -15.51 7.69
C VAL A 254 22.81 -14.46 8.63
N GLU A 255 23.55 -14.12 9.69
CA GLU A 255 23.12 -13.10 10.64
C GLU A 255 22.90 -11.75 9.97
N LYS A 256 23.87 -11.32 9.18
CA LYS A 256 23.80 -10.03 8.51
C LYS A 256 22.71 -9.99 7.44
N MET A 257 22.57 -11.07 6.67
CA MET A 257 21.50 -11.18 5.68
C MET A 257 20.13 -11.12 6.34
N SER A 258 19.98 -11.86 7.45
CA SER A 258 18.73 -11.89 8.20
C SER A 258 18.36 -10.51 8.75
N ALA A 259 19.36 -9.78 9.24
CA ALA A 259 19.14 -8.42 9.75
C ALA A 259 18.63 -7.49 8.65
N GLU A 260 19.21 -7.60 7.45
CA GLU A 260 18.79 -6.76 6.32
C GLU A 260 17.39 -7.09 5.83
N ILE A 261 17.03 -8.37 5.81
CA ILE A 261 15.68 -8.79 5.42
C ILE A 261 14.66 -8.31 6.46
N ASN A 262 15.01 -8.43 7.74
CA ASN A 262 14.15 -7.89 8.80
C ASN A 262 14.00 -6.37 8.71
N GLU A 263 15.04 -5.68 8.24
CA GLU A 263 14.94 -4.24 8.00
C GLU A 263 14.00 -3.93 6.84
N ILE A 264 14.09 -4.72 5.77
CA ILE A 264 13.16 -4.60 4.65
C ILE A 264 11.73 -4.76 5.13
N ILE A 265 11.49 -5.80 5.93
CA ILE A 265 10.15 -6.06 6.50
C ILE A 265 9.66 -4.87 7.33
N ARG A 266 10.55 -4.28 8.11
CA ARG A 266 10.22 -3.09 8.90
C ARG A 266 9.80 -1.94 7.98
N VAL A 267 10.68 -1.58 7.04
CA VAL A 267 10.47 -0.42 6.16
C VAL A 267 9.23 -0.57 5.27
N LEU A 268 8.91 -1.80 4.89
CA LEU A 268 7.70 -2.08 4.11
C LEU A 268 6.40 -1.67 4.84
N GLN A 269 6.46 -1.58 6.18
CA GLN A 269 5.26 -1.29 7.00
C GLN A 269 5.19 0.14 7.56
N LEU A 270 6.23 0.94 7.37
CA LEU A 270 6.20 2.41 7.66
C LEU A 270 5.36 3.08 6.56
N THR A 271 4.81 4.29 6.73
CA THR A 271 4.20 4.88 7.93
C THR A 271 4.07 6.41 8.07
N SER A 272 5.16 7.13 8.39
CA SER A 272 5.22 8.60 8.29
C SER A 272 4.03 9.37 8.87
N TRP A 273 4.31 10.23 9.86
CA TRP A 273 3.27 10.97 10.59
C TRP A 273 2.38 10.04 11.41
N GLU B 2 -6.31 -4.88 -6.61
CA GLU B 2 -6.82 -3.69 -7.36
C GLU B 2 -8.34 -3.54 -7.29
N MET B 3 -8.78 -2.41 -6.73
CA MET B 3 -10.12 -1.88 -6.96
C MET B 3 -9.96 -0.51 -7.61
N VAL B 4 -8.92 -0.38 -8.43
CA VAL B 4 -8.52 0.90 -9.03
C VAL B 4 -9.60 1.45 -9.96
N ARG B 5 -10.25 0.56 -10.71
CA ARG B 5 -11.32 0.97 -11.62
C ARG B 5 -12.42 1.73 -10.85
N GLN B 6 -12.88 1.14 -9.75
CA GLN B 6 -13.99 1.71 -8.98
C GLN B 6 -13.57 2.98 -8.23
N ALA B 7 -12.33 2.99 -7.75
CA ALA B 7 -11.78 4.16 -7.05
C ALA B 7 -11.62 5.36 -7.98
N ARG B 8 -11.07 5.11 -9.17
CA ARG B 8 -10.89 6.17 -10.17
C ARG B 8 -12.24 6.76 -10.61
N ILE B 9 -13.23 5.91 -10.82
CA ILE B 9 -14.57 6.36 -11.20
C ILE B 9 -15.18 7.23 -10.10
N LEU B 10 -15.04 6.81 -8.84
CA LEU B 10 -15.55 7.58 -7.71
C LEU B 10 -14.81 8.90 -7.54
N ALA B 11 -13.50 8.88 -7.71
CA ALA B 11 -12.68 10.10 -7.62
C ALA B 11 -13.05 11.09 -8.72
N GLN B 12 -13.23 10.60 -9.94
CA GLN B 12 -13.57 11.46 -11.07
C GLN B 12 -14.98 12.03 -10.93
N ALA B 13 -15.92 11.20 -10.49
CA ALA B 13 -17.30 11.64 -10.22
C ALA B 13 -17.32 12.72 -9.13
N THR B 14 -16.49 12.55 -8.11
CA THR B 14 -16.36 13.53 -7.04
C THR B 14 -15.71 14.83 -7.56
N SER B 15 -14.72 14.71 -8.43
CA SER B 15 -14.11 15.88 -9.08
C SER B 15 -15.12 16.67 -9.90
N ASP B 16 -15.95 15.96 -10.66
CA ASP B 16 -17.01 16.60 -11.45
C ASP B 16 -17.99 17.37 -10.57
N LEU B 17 -18.32 16.79 -9.42
CA LEU B 17 -19.22 17.41 -8.45
C LEU B 17 -18.60 18.69 -7.90
N VAL B 18 -17.37 18.59 -7.42
CA VAL B 18 -16.65 19.72 -6.83
C VAL B 18 -16.45 20.85 -7.84
N ASN B 19 -16.18 20.50 -9.10
CA ASN B 19 -16.10 21.50 -10.17
C ASN B 19 -17.41 22.22 -10.41
N ALA B 20 -18.52 21.47 -10.37
CA ALA B 20 -19.85 22.05 -10.54
C ALA B 20 -20.20 23.05 -9.43
N ILE B 21 -19.78 22.73 -8.21
CA ILE B 21 -20.02 23.59 -7.05
C ILE B 21 -19.31 24.94 -7.24
N LYS B 22 -18.06 24.89 -7.72
CA LYS B 22 -17.24 26.09 -7.90
C LYS B 22 -17.66 26.94 -9.11
N ALA B 23 -18.25 26.30 -10.12
CA ALA B 23 -18.66 26.99 -11.34
C ALA B 23 -19.77 28.01 -11.06
#